data_9JI6
#
_entry.id   9JI6
#
_cell.length_a   52.452
_cell.length_b   53.319
_cell.length_c   138.800
_cell.angle_alpha   90.000
_cell.angle_beta   90.000
_cell.angle_gamma   90.000
#
_symmetry.space_group_name_H-M   'P 21 21 21'
#
loop_
_entity.id
_entity.type
_entity.pdbx_description
1 polymer 'Vitamin D3 dihydroxylase'
2 non-polymer 'PROTOPORPHYRIN IX CONTAINING FE'
3 non-polymer '2-[2,6-DICHLOROPHENYL)AMINO]BENZENEACETIC ACID'
4 non-polymer 2-AMINO-2-HYDROXYMETHYL-PROPANE-1,3-DIOL
5 non-polymer 1,2-ETHANEDIOL
6 water water
#
_entity_poly.entity_id   1
_entity_poly.type   'polypeptide(L)'
_entity_poly.pdbx_seq_one_letter_code
;MTDTATTPQTTDAPAFPSNRSCPYQLPDGYAQLRDTPGPLHRVTLYDGRQAWVVTKHEAARKLLGDPRLSSNRTDDNFPA
TSPAFEAVRESPQAFIGLDPPEHGTRRRMTISEFTVKRIKGMRPEVEEVVHGFLDEMLAAGPTADLVSQFALPVPSMVIC
RLLGVPYADHEFFQDASKRLVQSTDAQSALTARNDLAGYLDGLITQFQTEPGAGLVGALVADQLANGEIDREELISTAML
LLIAGHETTASMTSLSVITLLDHPEQYAALRADRSLVPGAVEELLRYLAIADIAGGRVATADIEVEGQLIRAGEGVIVVN
SIANRDGTVYEDPDALDIHRSARHHLAFGFGVHQCLGQNLARLELEVILNALMDRVPTLRLAVPVEQLVLRPGTTIQGVN
ELPVTWHHHHHH
;
_entity_poly.pdbx_strand_id   A
#
# COMPACT_ATOMS: atom_id res chain seq x y z
N THR A 2 -34.67 -17.62 23.06
CA THR A 2 -33.54 -18.28 22.40
C THR A 2 -32.30 -18.26 23.29
N ASP A 3 -31.69 -19.43 23.47
CA ASP A 3 -30.50 -19.57 24.30
C ASP A 3 -29.33 -18.82 23.66
N THR A 4 -28.37 -18.43 24.50
CA THR A 4 -27.16 -17.71 24.06
C THR A 4 -25.91 -18.49 24.45
N ALA A 5 -24.75 -17.89 24.16
CA ALA A 5 -23.47 -18.54 24.40
C ALA A 5 -23.12 -18.49 25.88
N THR A 6 -22.99 -19.66 26.50
CA THR A 6 -22.76 -19.77 27.93
C THR A 6 -21.40 -20.36 28.28
N THR A 7 -20.55 -20.61 27.29
CA THR A 7 -19.25 -21.24 27.44
C THR A 7 -18.13 -20.24 27.15
N PRO A 8 -16.88 -20.57 27.52
CA PRO A 8 -15.77 -19.66 27.21
C PRO A 8 -15.65 -19.41 25.71
N GLN A 9 -15.14 -18.23 25.36
CA GLN A 9 -15.16 -17.73 23.99
C GLN A 9 -13.81 -17.78 23.29
N THR A 10 -12.77 -18.23 23.96
CA THR A 10 -11.45 -18.41 23.34
C THR A 10 -11.57 -19.22 22.05
N THR A 11 -10.88 -18.76 21.01
CA THR A 11 -10.84 -19.47 19.74
C THR A 11 -9.39 -19.68 19.32
N ASP A 12 -9.15 -20.72 18.54
CA ASP A 12 -7.84 -20.86 17.90
C ASP A 12 -7.85 -20.37 16.46
N ALA A 13 -8.90 -19.66 16.03
CA ALA A 13 -8.95 -19.03 14.72
C ALA A 13 -9.51 -17.62 14.88
N PRO A 14 -8.71 -16.69 15.37
CA PRO A 14 -9.23 -15.37 15.70
C PRO A 14 -9.68 -14.61 14.45
N ALA A 15 -10.60 -13.68 14.67
CA ALA A 15 -11.07 -12.83 13.59
C ALA A 15 -9.90 -12.08 12.99
N PHE A 16 -9.88 -12.01 11.65
CA PHE A 16 -8.84 -11.34 10.90
C PHE A 16 -9.49 -10.58 9.75
N PRO A 17 -9.02 -9.37 9.42
CA PRO A 17 -7.93 -8.60 10.06
C PRO A 17 -8.34 -7.93 11.36
N SER A 18 -7.35 -7.38 12.05
CA SER A 18 -7.55 -6.56 13.23
C SER A 18 -7.21 -5.11 12.91
N ASN A 19 -7.72 -4.22 13.73
CA ASN A 19 -7.49 -2.80 13.54
C ASN A 19 -6.34 -2.33 14.42
N ARG A 20 -5.51 -1.46 13.88
CA ARG A 20 -4.49 -0.81 14.68
C ARG A 20 -5.12 0.18 15.65
N SER A 21 -4.57 0.22 16.86
CA SER A 21 -4.89 1.25 17.84
C SER A 21 -3.78 2.28 17.96
N CYS A 22 -2.55 1.90 17.63
CA CYS A 22 -1.41 2.79 17.57
C CYS A 22 -0.83 2.72 16.16
N PRO A 23 -0.54 3.85 15.51
CA PRO A 23 -0.17 3.81 14.09
C PRO A 23 1.04 2.95 13.79
N TYR A 24 1.96 2.76 14.73
CA TYR A 24 3.22 2.07 14.45
C TYR A 24 3.42 0.84 15.34
N GLN A 25 2.35 0.29 15.90
CA GLN A 25 2.48 -0.97 16.60
CA GLN A 25 2.43 -0.95 16.67
C GLN A 25 1.46 -1.98 16.09
N LEU A 26 1.82 -3.26 16.23
CA LEU A 26 0.90 -4.31 15.82
C LEU A 26 -0.38 -4.24 16.66
N PRO A 27 -1.54 -4.48 16.05
CA PRO A 27 -2.74 -4.77 16.84
C PRO A 27 -2.44 -5.89 17.83
N ASP A 28 -3.11 -5.85 18.98
CA ASP A 28 -2.84 -6.84 20.02
C ASP A 28 -2.92 -8.26 19.48
N GLY A 29 -3.94 -8.55 18.67
CA GLY A 29 -4.08 -9.89 18.12
C GLY A 29 -2.94 -10.28 17.21
N TYR A 30 -2.33 -9.31 16.51
CA TYR A 30 -1.23 -9.64 15.62
C TYR A 30 0.04 -9.95 16.40
N ALA A 31 0.25 -9.25 17.52
CA ALA A 31 1.37 -9.58 18.39
C ALA A 31 1.25 -11.02 18.87
N GLN A 32 0.01 -11.46 19.16
CA GLN A 32 -0.19 -12.84 19.58
CA GLN A 32 -0.22 -12.84 19.57
C GLN A 32 0.16 -13.81 18.46
N LEU A 33 -0.29 -13.51 17.23
CA LEU A 33 0.09 -14.36 16.10
C LEU A 33 1.59 -14.36 15.89
N ARG A 34 2.23 -13.19 16.02
CA ARG A 34 3.68 -13.10 15.87
C ARG A 34 4.40 -14.03 16.83
N ASP A 35 3.89 -14.16 18.05
CA ASP A 35 4.54 -14.93 19.11
C ASP A 35 4.26 -16.42 19.06
N THR A 36 3.21 -16.86 18.37
CA THR A 36 2.90 -18.29 18.32
C THR A 36 3.89 -19.00 17.40
N PRO A 37 4.50 -20.10 17.84
CA PRO A 37 5.45 -20.81 16.97
C PRO A 37 4.79 -21.33 15.71
N GLY A 38 5.61 -21.53 14.68
CA GLY A 38 5.13 -22.08 13.44
C GLY A 38 4.84 -21.01 12.41
N PRO A 39 4.97 -21.37 11.14
CA PRO A 39 4.83 -20.37 10.08
C PRO A 39 3.40 -19.94 9.82
N LEU A 40 2.41 -20.77 10.15
CA LEU A 40 1.03 -20.51 9.77
C LEU A 40 0.14 -20.46 11.00
N HIS A 41 -0.99 -19.74 10.88
CA HIS A 41 -2.00 -19.76 11.91
C HIS A 41 -3.38 -19.63 11.27
N ARG A 42 -4.35 -20.34 11.82
CA ARG A 42 -5.71 -20.22 11.34
C ARG A 42 -6.33 -18.90 11.80
N VAL A 43 -7.19 -18.35 10.95
CA VAL A 43 -7.96 -17.14 11.26
C VAL A 43 -9.36 -17.33 10.70
N THR A 44 -10.27 -16.47 11.16
CA THR A 44 -11.65 -16.44 10.67
C THR A 44 -11.89 -15.11 9.96
N LEU A 45 -12.32 -15.17 8.70
CA LEU A 45 -12.57 -13.97 7.91
C LEU A 45 -13.98 -13.46 8.19
N TYR A 46 -14.30 -12.30 7.60
CA TYR A 46 -15.52 -11.58 7.98
C TYR A 46 -16.79 -12.41 7.80
N ASP A 47 -16.81 -13.31 6.82
CA ASP A 47 -17.99 -14.09 6.54
C ASP A 47 -18.00 -15.44 7.25
N GLY A 48 -17.06 -15.67 8.17
CA GLY A 48 -17.00 -16.91 8.92
C GLY A 48 -16.14 -17.99 8.30
N ARG A 49 -15.59 -17.76 7.11
CA ARG A 49 -14.74 -18.74 6.45
C ARG A 49 -13.35 -18.71 7.05
N GLN A 50 -12.75 -19.88 7.20
CA GLN A 50 -11.41 -19.98 7.76
C GLN A 50 -10.35 -19.85 6.68
N ALA A 51 -9.22 -19.27 7.05
CA ALA A 51 -8.09 -19.09 6.16
C ALA A 51 -6.81 -19.24 6.97
N TRP A 52 -5.68 -19.34 6.28
CA TRP A 52 -4.37 -19.33 6.90
C TRP A 52 -3.77 -17.95 6.79
N VAL A 53 -3.03 -17.54 7.83
CA VAL A 53 -2.12 -16.40 7.72
C VAL A 53 -0.70 -16.90 7.91
N VAL A 54 0.23 -16.27 7.20
CA VAL A 54 1.65 -16.54 7.33
C VAL A 54 2.23 -15.46 8.24
N THR A 55 2.94 -15.88 9.29
CA THR A 55 3.32 -14.97 10.35
C THR A 55 4.81 -14.87 10.59
N LYS A 56 5.63 -15.54 9.79
CA LYS A 56 7.07 -15.56 9.98
C LYS A 56 7.76 -15.17 8.68
N HIS A 57 8.95 -14.57 8.83
CA HIS A 57 9.60 -13.89 7.72
C HIS A 57 10.05 -14.86 6.62
N GLU A 58 10.79 -15.91 6.98
CA GLU A 58 11.30 -16.77 5.91
C GLU A 58 10.18 -17.57 5.26
N ALA A 59 9.21 -18.05 6.04
CA ALA A 59 8.05 -18.72 5.45
C ALA A 59 7.27 -17.80 4.53
N ALA A 60 7.22 -16.50 4.86
CA ALA A 60 6.53 -15.56 3.98
C ALA A 60 7.23 -15.46 2.64
N ARG A 61 8.57 -15.36 2.63
CA ARG A 61 9.30 -15.36 1.37
C ARG A 61 9.08 -16.65 0.60
N LYS A 62 9.13 -17.78 1.29
CA LYS A 62 8.95 -19.06 0.60
C LYS A 62 7.58 -19.14 -0.05
N LEU A 63 6.54 -18.74 0.68
CA LEU A 63 5.21 -18.90 0.13
C LEU A 63 4.87 -17.84 -0.92
N LEU A 64 5.39 -16.62 -0.80
CA LEU A 64 5.23 -15.65 -1.87
C LEU A 64 5.94 -16.09 -3.15
N GLY A 65 6.98 -16.90 -3.02
CA GLY A 65 7.65 -17.42 -4.19
C GLY A 65 7.10 -18.71 -4.75
N ASP A 66 6.11 -19.30 -4.08
CA ASP A 66 5.60 -20.61 -4.44
C ASP A 66 4.51 -20.45 -5.50
N PRO A 67 4.69 -20.94 -6.73
CA PRO A 67 3.66 -20.74 -7.75
C PRO A 67 2.36 -21.48 -7.48
N ARG A 68 2.34 -22.39 -6.51
CA ARG A 68 1.10 -23.04 -6.11
C ARG A 68 0.19 -22.13 -5.30
N LEU A 69 0.68 -20.97 -4.85
CA LEU A 69 -0.16 -19.95 -4.22
C LEU A 69 -0.49 -18.91 -5.29
N SER A 70 -1.71 -18.99 -5.83
CA SER A 70 -2.15 -18.15 -6.94
C SER A 70 -2.64 -16.79 -6.44
N SER A 71 -2.48 -15.78 -7.29
CA SER A 71 -2.94 -14.42 -7.01
C SER A 71 -4.29 -14.12 -7.66
N ASN A 72 -4.98 -15.13 -8.17
CA ASN A 72 -6.22 -14.94 -8.93
C ASN A 72 -7.36 -14.53 -8.01
N ARG A 73 -7.70 -13.23 -8.01
CA ARG A 73 -8.77 -12.75 -7.14
C ARG A 73 -10.16 -13.22 -7.57
N THR A 74 -10.32 -13.65 -8.82
CA THR A 74 -11.62 -14.14 -9.26
C THR A 74 -11.91 -15.57 -8.81
N ASP A 75 -10.93 -16.25 -8.21
CA ASP A 75 -11.17 -17.60 -7.71
C ASP A 75 -12.16 -17.55 -6.55
N ASP A 76 -13.10 -18.50 -6.56
CA ASP A 76 -14.15 -18.51 -5.53
C ASP A 76 -13.58 -18.67 -4.12
N ASN A 77 -12.37 -19.20 -3.98
CA ASN A 77 -11.77 -19.44 -2.68
C ASN A 77 -10.73 -18.39 -2.30
N PHE A 78 -10.57 -17.33 -3.09
CA PHE A 78 -9.64 -16.29 -2.73
C PHE A 78 -10.08 -15.65 -1.40
N PRO A 79 -9.15 -15.36 -0.49
CA PRO A 79 -9.56 -14.90 0.85
C PRO A 79 -10.01 -13.44 0.88
N ALA A 80 -11.32 -13.22 0.77
CA ALA A 80 -11.87 -11.88 0.91
C ALA A 80 -11.86 -11.46 2.37
N THR A 81 -11.40 -10.23 2.66
CA THR A 81 -11.37 -9.77 4.03
C THR A 81 -12.45 -8.75 4.36
N SER A 82 -13.21 -8.28 3.38
CA SER A 82 -14.37 -7.46 3.64
C SER A 82 -15.38 -7.71 2.53
N PRO A 83 -16.65 -7.35 2.75
CA PRO A 83 -17.64 -7.48 1.66
C PRO A 83 -17.25 -6.72 0.41
N ALA A 84 -16.46 -5.64 0.55
CA ALA A 84 -16.07 -4.84 -0.60
C ALA A 84 -15.18 -5.60 -1.56
N PHE A 85 -14.51 -6.67 -1.10
CA PHE A 85 -13.67 -7.45 -2.01
C PHE A 85 -14.47 -8.06 -3.15
N GLU A 86 -15.74 -8.42 -2.90
CA GLU A 86 -16.55 -9.04 -3.94
C GLU A 86 -16.65 -8.16 -5.18
N ALA A 87 -16.34 -6.87 -5.06
CA ALA A 87 -16.26 -6.01 -6.23
C ALA A 87 -15.08 -6.39 -7.12
N VAL A 88 -13.95 -6.79 -6.51
CA VAL A 88 -12.78 -7.17 -7.29
C VAL A 88 -12.94 -8.58 -7.86
N ARG A 89 -13.62 -9.47 -7.12
CA ARG A 89 -13.87 -10.82 -7.65
C ARG A 89 -14.74 -10.77 -8.91
N GLU A 90 -15.58 -9.74 -9.03
CA GLU A 90 -16.49 -9.61 -10.17
C GLU A 90 -15.89 -8.84 -11.33
N SER A 91 -14.81 -8.11 -11.11
CA SER A 91 -14.29 -7.14 -12.07
C SER A 91 -13.12 -7.71 -12.86
N PRO A 92 -12.80 -7.13 -14.02
CA PRO A 92 -11.59 -7.53 -14.74
C PRO A 92 -10.35 -7.27 -13.90
N GLN A 93 -9.26 -7.94 -14.26
CA GLN A 93 -8.08 -7.96 -13.40
C GLN A 93 -6.86 -7.35 -14.07
N ALA A 94 -6.14 -6.53 -13.32
CA ALA A 94 -4.81 -6.09 -13.70
C ALA A 94 -3.80 -7.18 -13.33
N PHE A 95 -2.53 -6.96 -13.67
CA PHE A 95 -1.58 -8.06 -13.53
C PHE A 95 -1.29 -8.43 -12.08
N ILE A 96 -1.68 -7.61 -11.11
CA ILE A 96 -1.55 -7.99 -9.71
C ILE A 96 -2.39 -9.22 -9.40
N GLY A 97 -3.42 -9.49 -10.19
CA GLY A 97 -4.27 -10.64 -10.03
C GLY A 97 -4.01 -11.76 -11.00
N LEU A 98 -2.91 -11.69 -11.74
CA LEU A 98 -2.55 -12.72 -12.70
C LEU A 98 -1.40 -13.57 -12.17
N ASP A 99 -1.31 -14.80 -12.68
CA ASP A 99 -0.19 -15.67 -12.43
C ASP A 99 0.68 -15.79 -13.69
N PRO A 100 1.94 -16.19 -13.56
CA PRO A 100 2.75 -16.49 -14.74
C PRO A 100 2.07 -17.55 -15.59
N PRO A 101 2.18 -17.46 -16.94
CA PRO A 101 2.96 -16.50 -17.72
C PRO A 101 2.23 -15.20 -18.02
N GLU A 102 0.91 -15.15 -17.82
CA GLU A 102 0.15 -13.96 -18.19
C GLU A 102 0.59 -12.75 -17.39
N HIS A 103 0.94 -12.94 -16.11
CA HIS A 103 1.38 -11.84 -15.26
C HIS A 103 2.55 -11.09 -15.90
N GLY A 104 3.56 -11.82 -16.36
CA GLY A 104 4.75 -11.17 -16.88
C GLY A 104 4.50 -10.42 -18.18
N THR A 105 3.65 -10.97 -19.05
CA THR A 105 3.41 -10.27 -20.31
C THR A 105 2.72 -8.93 -20.08
N ARG A 106 1.88 -8.83 -19.06
CA ARG A 106 1.26 -7.54 -18.78
C ARG A 106 2.19 -6.62 -17.97
N ARG A 107 2.87 -7.16 -16.95
CA ARG A 107 3.76 -6.32 -16.14
C ARG A 107 4.84 -5.69 -17.01
N ARG A 108 5.41 -6.46 -17.94
CA ARG A 108 6.46 -5.95 -18.80
C ARG A 108 5.98 -4.79 -19.67
N MET A 109 4.67 -4.61 -19.85
CA MET A 109 4.18 -3.46 -20.59
C MET A 109 4.34 -2.16 -19.82
N THR A 110 4.58 -2.24 -18.51
CA THR A 110 4.64 -1.04 -17.69
C THR A 110 6.00 -0.78 -17.06
N ILE A 111 6.95 -1.72 -17.12
CA ILE A 111 8.15 -1.61 -16.31
C ILE A 111 9.04 -0.45 -16.73
N SER A 112 9.00 -0.07 -18.01
CA SER A 112 9.90 0.96 -18.50
C SER A 112 9.72 2.29 -17.76
N GLU A 113 8.57 2.52 -17.14
CA GLU A 113 8.34 3.76 -16.43
C GLU A 113 8.88 3.75 -15.01
N PHE A 114 9.35 2.60 -14.53
CA PHE A 114 9.72 2.44 -13.12
C PHE A 114 11.16 1.99 -12.94
N THR A 115 11.96 1.98 -14.01
CA THR A 115 13.37 1.61 -13.93
C THR A 115 14.12 2.57 -13.03
N VAL A 116 15.29 2.13 -12.57
CA VAL A 116 16.12 2.99 -11.73
C VAL A 116 16.49 4.26 -12.47
N LYS A 117 16.83 4.14 -13.76
CA LYS A 117 17.20 5.32 -14.53
C LYS A 117 16.03 6.29 -14.63
N ARG A 118 14.82 5.77 -14.83
CA ARG A 118 13.66 6.67 -14.94
C ARG A 118 13.36 7.32 -13.60
N ILE A 119 13.44 6.55 -12.51
CA ILE A 119 13.18 7.12 -11.19
C ILE A 119 14.18 8.23 -10.89
N LYS A 120 15.45 8.04 -11.26
CA LYS A 120 16.44 9.08 -11.06
C LYS A 120 16.09 10.36 -11.81
N GLY A 121 15.69 10.22 -13.07
CA GLY A 121 15.26 11.36 -13.84
C GLY A 121 14.01 12.04 -13.34
N MET A 122 13.27 11.38 -12.45
CA MET A 122 12.06 12.00 -11.91
C MET A 122 12.34 12.88 -10.69
N ARG A 123 13.55 12.84 -10.14
CA ARG A 123 13.82 13.62 -8.93
C ARG A 123 13.48 15.10 -9.05
N PRO A 124 13.83 15.82 -10.14
CA PRO A 124 13.47 17.25 -10.17
C PRO A 124 11.97 17.50 -10.14
N GLU A 125 11.18 16.69 -10.86
CA GLU A 125 9.74 16.84 -10.81
C GLU A 125 9.22 16.56 -9.42
N VAL A 126 9.71 15.49 -8.78
CA VAL A 126 9.26 15.15 -7.43
C VAL A 126 9.62 16.28 -6.46
N GLU A 127 10.86 16.78 -6.53
CA GLU A 127 11.25 17.84 -5.62
C GLU A 127 10.45 19.12 -5.90
N GLU A 128 10.24 19.43 -7.18
CA GLU A 128 9.43 20.59 -7.51
C GLU A 128 8.00 20.44 -7.00
N VAL A 129 7.41 19.25 -7.18
CA VAL A 129 6.05 19.01 -6.71
C VAL A 129 5.98 19.11 -5.19
N VAL A 130 6.92 18.47 -4.49
CA VAL A 130 6.93 18.49 -3.03
C VAL A 130 7.04 19.91 -2.51
N HIS A 131 8.00 20.67 -3.04
CA HIS A 131 8.21 22.01 -2.53
C HIS A 131 7.09 22.97 -2.94
N GLY A 132 6.45 22.70 -4.07
CA GLY A 132 5.32 23.52 -4.48
C GLY A 132 4.14 23.38 -3.53
N PHE A 133 3.76 22.15 -3.20
CA PHE A 133 2.67 21.97 -2.25
C PHE A 133 3.05 22.46 -0.86
N LEU A 134 4.33 22.38 -0.50
CA LEU A 134 4.77 22.95 0.78
C LEU A 134 4.63 24.47 0.77
N ASP A 135 5.07 25.12 -0.31
CA ASP A 135 4.86 26.55 -0.47
C ASP A 135 3.42 26.93 -0.18
N GLU A 136 2.48 26.22 -0.82
CA GLU A 136 1.07 26.56 -0.69
C GLU A 136 0.58 26.34 0.74
N MET A 137 0.93 25.20 1.34
CA MET A 137 0.44 24.89 2.68
C MET A 137 0.97 25.88 3.70
N LEU A 138 2.27 26.16 3.66
CA LEU A 138 2.86 27.08 4.63
C LEU A 138 2.29 28.48 4.50
N ALA A 139 1.87 28.87 3.30
CA ALA A 139 1.34 30.21 3.10
C ALA A 139 -0.15 30.30 3.43
N ALA A 140 -0.87 29.18 3.46
CA ALA A 140 -2.32 29.18 3.53
C ALA A 140 -2.87 29.30 4.95
N GLY A 141 -2.05 29.14 5.97
CA GLY A 141 -2.54 29.24 7.33
C GLY A 141 -1.55 28.74 8.36
N PRO A 142 -1.82 29.02 9.64
CA PRO A 142 -0.93 28.52 10.70
C PRO A 142 -1.10 27.04 10.97
N THR A 143 -2.26 26.46 10.68
CA THR A 143 -2.46 25.03 10.79
C THR A 143 -2.84 24.47 9.42
N ALA A 144 -2.78 23.15 9.31
CA ALA A 144 -3.16 22.48 8.08
C ALA A 144 -3.55 21.04 8.39
N ASP A 145 -4.33 20.45 7.49
CA ASP A 145 -4.45 19.00 7.40
C ASP A 145 -3.35 18.49 6.48
N LEU A 146 -2.36 17.80 7.04
CA LEU A 146 -1.23 17.35 6.24
C LEU A 146 -1.66 16.39 5.14
N VAL A 147 -2.76 15.66 5.34
CA VAL A 147 -3.18 14.67 4.36
C VAL A 147 -3.70 15.34 3.10
N SER A 148 -4.76 16.14 3.23
CA SER A 148 -5.36 16.75 2.04
C SER A 148 -4.48 17.83 1.43
N GLN A 149 -3.61 18.47 2.22
CA GLN A 149 -2.81 19.59 1.71
CA GLN A 149 -2.82 19.58 1.68
C GLN A 149 -1.42 19.18 1.24
N PHE A 150 -0.97 17.96 1.55
CA PHE A 150 0.42 17.62 1.21
C PHE A 150 0.59 16.14 0.90
N ALA A 151 0.19 15.28 1.85
CA ALA A 151 0.51 13.86 1.72
C ALA A 151 -0.14 13.23 0.50
N LEU A 152 -1.38 13.60 0.19
CA LEU A 152 -2.05 13.02 -0.98
C LEU A 152 -1.75 13.75 -2.30
N PRO A 153 -1.81 15.09 -2.36
CA PRO A 153 -1.62 15.73 -3.68
C PRO A 153 -0.25 15.46 -4.30
N VAL A 154 0.79 15.35 -3.49
CA VAL A 154 2.14 15.16 -4.03
C VAL A 154 2.23 13.86 -4.83
N PRO A 155 1.99 12.67 -4.27
CA PRO A 155 2.08 11.46 -5.10
C PRO A 155 1.02 11.39 -6.19
N SER A 156 -0.13 12.02 -5.97
CA SER A 156 -1.15 12.10 -7.01
C SER A 156 -0.62 12.80 -8.25
N MET A 157 -0.04 13.97 -8.07
CA MET A 157 0.47 14.72 -9.22
C MET A 157 1.60 13.96 -9.91
N VAL A 158 2.47 13.31 -9.13
CA VAL A 158 3.58 12.57 -9.72
C VAL A 158 3.07 11.38 -10.52
N ILE A 159 2.17 10.57 -9.95
CA ILE A 159 1.74 9.39 -10.71
C ILE A 159 0.89 9.79 -11.92
N CYS A 160 0.17 10.91 -11.83
CA CYS A 160 -0.61 11.33 -12.99
C CYS A 160 0.29 11.74 -14.15
N ARG A 161 1.42 12.39 -13.86
CA ARG A 161 2.39 12.71 -14.91
C ARG A 161 2.96 11.45 -15.54
N LEU A 162 3.27 10.46 -14.70
CA LEU A 162 3.80 9.20 -15.21
C LEU A 162 2.80 8.51 -16.14
N LEU A 163 1.52 8.53 -15.75
CA LEU A 163 0.48 7.83 -16.49
C LEU A 163 -0.05 8.60 -17.69
N GLY A 164 0.08 9.93 -17.71
CA GLY A 164 -0.61 10.71 -18.72
C GLY A 164 -2.04 11.06 -18.36
N VAL A 165 -2.37 11.02 -17.08
CA VAL A 165 -3.71 11.37 -16.60
C VAL A 165 -3.70 12.86 -16.27
N PRO A 166 -4.60 13.67 -16.82
CA PRO A 166 -4.53 15.13 -16.60
C PRO A 166 -4.92 15.50 -15.17
N TYR A 167 -4.05 16.26 -14.50
CA TYR A 167 -4.34 16.58 -13.12
C TYR A 167 -5.52 17.53 -12.95
N ALA A 168 -5.96 18.20 -14.02
CA ALA A 168 -7.15 19.05 -13.92
C ALA A 168 -8.35 18.29 -13.38
N ASP A 169 -8.37 16.97 -13.52
CA ASP A 169 -9.49 16.15 -13.06
C ASP A 169 -9.26 15.55 -11.68
N HIS A 170 -8.31 16.10 -10.91
CA HIS A 170 -7.85 15.41 -9.71
C HIS A 170 -8.91 15.32 -8.62
N GLU A 171 -9.77 16.33 -8.48
CA GLU A 171 -10.82 16.21 -7.48
C GLU A 171 -11.70 14.99 -7.76
N PHE A 172 -12.01 14.74 -9.02
CA PHE A 172 -12.82 13.56 -9.37
C PHE A 172 -12.09 12.26 -9.06
N PHE A 173 -10.89 12.06 -9.61
CA PHE A 173 -10.30 10.72 -9.45
C PHE A 173 -9.63 10.52 -8.10
N GLN A 174 -9.25 11.60 -7.39
CA GLN A 174 -8.79 11.40 -6.02
C GLN A 174 -9.93 10.93 -5.14
N ASP A 175 -11.12 11.55 -5.31
CA ASP A 175 -12.28 11.11 -4.55
C ASP A 175 -12.66 9.68 -4.90
N ALA A 176 -12.65 9.34 -6.20
CA ALA A 176 -13.02 7.98 -6.58
C ALA A 176 -12.00 6.96 -6.08
N SER A 177 -10.70 7.30 -6.12
CA SER A 177 -9.68 6.42 -5.59
C SER A 177 -9.90 6.15 -4.10
N LYS A 178 -10.19 7.21 -3.34
CA LYS A 178 -10.41 7.02 -1.91
C LYS A 178 -11.64 6.16 -1.64
N ARG A 179 -12.73 6.41 -2.38
CA ARG A 179 -13.94 5.62 -2.18
C ARG A 179 -13.71 4.15 -2.46
N LEU A 180 -12.93 3.84 -3.51
CA LEU A 180 -12.68 2.45 -3.86
C LEU A 180 -11.82 1.77 -2.80
N VAL A 181 -10.71 2.39 -2.42
CA VAL A 181 -9.77 1.75 -1.50
C VAL A 181 -10.38 1.59 -0.11
N GLN A 182 -11.16 2.58 0.33
CA GLN A 182 -11.68 2.59 1.69
C GLN A 182 -13.14 2.13 1.76
N SER A 183 -13.71 1.66 0.66
CA SER A 183 -15.08 1.14 0.70
C SER A 183 -15.18 -0.04 1.65
N THR A 184 -16.27 -0.07 2.42
CA THR A 184 -16.56 -1.18 3.32
C THR A 184 -17.63 -2.12 2.77
N ASP A 185 -18.35 -1.72 1.73
CA ASP A 185 -19.38 -2.56 1.14
C ASP A 185 -19.13 -2.68 -0.35
N ALA A 186 -19.77 -3.68 -0.98
CA ALA A 186 -19.50 -3.96 -2.37
C ALA A 186 -20.08 -2.90 -3.30
N GLN A 187 -21.24 -2.32 -2.93
CA GLN A 187 -21.91 -1.41 -3.85
C GLN A 187 -21.13 -0.10 -4.01
N SER A 188 -20.62 0.45 -2.90
CA SER A 188 -19.83 1.68 -3.02
C SER A 188 -18.47 1.41 -3.67
N ALA A 189 -17.92 0.21 -3.50
CA ALA A 189 -16.68 -0.13 -4.20
C ALA A 189 -16.93 -0.25 -5.69
N LEU A 190 -18.03 -0.90 -6.08
CA LEU A 190 -18.34 -1.06 -7.49
C LEU A 190 -18.60 0.29 -8.16
N THR A 191 -19.32 1.18 -7.47
CA THR A 191 -19.58 2.49 -8.05
C THR A 191 -18.30 3.26 -8.26
N ALA A 192 -17.41 3.25 -7.26
CA ALA A 192 -16.14 3.96 -7.40
C ALA A 192 -15.31 3.37 -8.53
N ARG A 193 -15.28 2.04 -8.64
CA ARG A 193 -14.55 1.42 -9.74
C ARG A 193 -15.12 1.82 -11.08
N ASN A 194 -16.45 1.83 -11.20
CA ASN A 194 -17.09 2.18 -12.46
C ASN A 194 -16.84 3.65 -12.82
N ASP A 195 -16.81 4.52 -11.80
CA ASP A 195 -16.50 5.93 -12.02
C ASP A 195 -15.11 6.08 -12.65
N LEU A 196 -14.10 5.44 -12.06
CA LEU A 196 -12.75 5.50 -12.61
C LEU A 196 -12.68 4.83 -13.97
N ALA A 197 -13.39 3.71 -14.15
CA ALA A 197 -13.32 3.00 -15.42
C ALA A 197 -13.88 3.85 -16.56
N GLY A 198 -15.01 4.51 -16.32
CA GLY A 198 -15.57 5.36 -17.36
C GLY A 198 -14.67 6.53 -17.70
N TYR A 199 -14.01 7.10 -16.68
CA TYR A 199 -13.06 8.17 -16.92
C TYR A 199 -11.89 7.69 -17.77
N LEU A 200 -11.30 6.56 -17.40
CA LEU A 200 -10.13 6.07 -18.12
C LEU A 200 -10.51 5.63 -19.53
N ASP A 201 -11.72 5.12 -19.70
CA ASP A 201 -12.18 4.74 -21.03
C ASP A 201 -12.24 5.94 -21.97
N GLY A 202 -12.71 7.07 -21.47
CA GLY A 202 -12.72 8.28 -22.27
C GLY A 202 -11.32 8.76 -22.62
N LEU A 203 -10.38 8.60 -21.69
CA LEU A 203 -9.01 9.00 -21.94
C LEU A 203 -8.39 8.15 -23.04
N ILE A 204 -8.72 6.85 -23.08
CA ILE A 204 -8.19 5.96 -24.10
C ILE A 204 -8.64 6.41 -25.49
N THR A 205 -9.94 6.67 -25.64
CA THR A 205 -10.47 7.11 -26.93
C THR A 205 -9.83 8.42 -27.36
N GLN A 206 -9.62 9.32 -26.41
CA GLN A 206 -8.97 10.59 -26.72
C GLN A 206 -7.55 10.35 -27.26
N PHE A 207 -6.81 9.41 -26.67
CA PHE A 207 -5.47 9.12 -27.14
C PHE A 207 -5.47 8.41 -28.50
N GLN A 208 -6.54 7.69 -28.84
CA GLN A 208 -6.62 7.12 -30.18
C GLN A 208 -6.85 8.20 -31.23
N THR A 209 -7.51 9.30 -30.85
CA THR A 209 -7.66 10.45 -31.74
C THR A 209 -6.38 11.25 -31.82
N GLU A 210 -5.82 11.58 -30.65
CA GLU A 210 -4.63 12.42 -30.55
CA GLU A 210 -4.64 12.43 -30.55
C GLU A 210 -3.67 11.73 -29.60
N PRO A 211 -2.66 11.03 -30.13
CA PRO A 211 -1.73 10.29 -29.28
C PRO A 211 -1.22 11.14 -28.13
N GLY A 212 -1.12 10.52 -26.96
CA GLY A 212 -0.92 11.22 -25.72
C GLY A 212 0.36 10.83 -24.99
N ALA A 213 0.64 11.58 -23.95
CA ALA A 213 1.84 11.40 -23.15
C ALA A 213 1.64 10.28 -22.14
N GLY A 214 2.73 9.88 -21.52
CA GLY A 214 2.65 9.02 -20.36
C GLY A 214 2.38 7.58 -20.72
N LEU A 215 2.29 6.77 -19.68
CA LEU A 215 2.16 5.33 -19.85
C LEU A 215 0.85 4.95 -20.51
N VAL A 216 -0.26 5.62 -20.14
CA VAL A 216 -1.52 5.30 -20.78
C VAL A 216 -1.44 5.62 -22.27
N GLY A 217 -0.82 6.76 -22.62
CA GLY A 217 -0.65 7.08 -24.03
C GLY A 217 0.17 6.04 -24.77
N ALA A 218 1.21 5.50 -24.12
CA ALA A 218 2.06 4.51 -24.77
C ALA A 218 1.32 3.19 -24.95
N LEU A 219 0.55 2.77 -23.94
CA LEU A 219 -0.19 1.51 -24.05
C LEU A 219 -1.26 1.60 -25.13
N VAL A 220 -1.90 2.76 -25.26
CA VAL A 220 -2.90 2.94 -26.32
C VAL A 220 -2.24 2.87 -27.69
N ALA A 221 -1.11 3.56 -27.85
CA ALA A 221 -0.49 3.66 -29.18
C ALA A 221 0.18 2.37 -29.62
N ASP A 222 0.65 1.57 -28.66
CA ASP A 222 1.43 0.38 -28.99
C ASP A 222 0.63 -0.90 -28.72
N GLN A 223 0.59 -1.34 -27.46
CA GLN A 223 0.02 -2.66 -27.15
C GLN A 223 -1.45 -2.75 -27.55
N LEU A 224 -2.24 -1.71 -27.26
CA LEU A 224 -3.65 -1.77 -27.61
C LEU A 224 -3.85 -1.81 -29.12
N ALA A 225 -3.09 -0.98 -29.85
CA ALA A 225 -3.22 -0.96 -31.30
C ALA A 225 -2.76 -2.26 -31.95
N ASN A 226 -1.98 -3.07 -31.22
CA ASN A 226 -1.56 -4.39 -31.69
C ASN A 226 -2.42 -5.52 -31.12
N GLY A 227 -3.48 -5.20 -30.38
CA GLY A 227 -4.31 -6.21 -29.76
C GLY A 227 -3.63 -7.01 -28.68
N GLU A 228 -2.49 -6.54 -28.16
CA GLU A 228 -1.73 -7.28 -27.17
C GLU A 228 -2.26 -7.09 -25.77
N ILE A 229 -3.10 -6.08 -25.55
CA ILE A 229 -3.81 -5.89 -24.30
C ILE A 229 -5.25 -5.55 -24.67
N ASP A 230 -6.19 -6.06 -23.90
CA ASP A 230 -7.59 -5.70 -24.11
C ASP A 230 -7.82 -4.30 -23.57
N ARG A 231 -8.77 -3.59 -24.18
CA ARG A 231 -9.13 -2.25 -23.70
C ARG A 231 -9.49 -2.27 -22.22
N GLU A 232 -10.27 -3.26 -21.81
CA GLU A 232 -10.70 -3.38 -20.43
CA GLU A 232 -10.69 -3.32 -20.41
C GLU A 232 -9.52 -3.66 -19.50
N GLU A 233 -8.54 -4.44 -19.99
CA GLU A 233 -7.32 -4.68 -19.23
C GLU A 233 -6.50 -3.41 -19.08
N LEU A 234 -6.44 -2.60 -20.14
CA LEU A 234 -5.72 -1.33 -20.04
C LEU A 234 -6.33 -0.45 -18.96
N ILE A 235 -7.66 -0.38 -18.93
CA ILE A 235 -8.36 0.37 -17.90
C ILE A 235 -7.98 -0.15 -16.51
N SER A 236 -8.03 -1.47 -16.31
CA SER A 236 -7.71 -2.04 -15.00
C SER A 236 -6.26 -1.77 -14.62
N THR A 237 -5.35 -1.86 -15.59
CA THR A 237 -3.94 -1.60 -15.33
C THR A 237 -3.71 -0.15 -14.94
N ALA A 238 -4.27 0.77 -15.72
CA ALA A 238 -4.12 2.17 -15.38
C ALA A 238 -4.75 2.48 -14.03
N MET A 239 -5.89 1.86 -13.74
CA MET A 239 -6.54 2.10 -12.46
C MET A 239 -5.68 1.61 -11.29
N LEU A 240 -5.10 0.42 -11.43
CA LEU A 240 -4.22 -0.09 -10.37
C LEU A 240 -3.05 0.87 -10.13
N LEU A 241 -2.41 1.32 -11.20
CA LEU A 241 -1.25 2.18 -11.01
CA LEU A 241 -1.26 2.19 -11.03
C LEU A 241 -1.67 3.53 -10.43
N LEU A 242 -2.82 4.05 -10.84
CA LEU A 242 -3.32 5.32 -10.32
C LEU A 242 -3.60 5.23 -8.82
N ILE A 243 -4.30 4.18 -8.40
CA ILE A 243 -4.70 4.08 -7.01
C ILE A 243 -3.50 3.77 -6.12
N ALA A 244 -2.67 2.80 -6.51
CA ALA A 244 -1.48 2.51 -5.73
C ALA A 244 -0.56 3.72 -5.67
N GLY A 245 -0.38 4.41 -6.80
CA GLY A 245 0.49 5.57 -6.82
C GLY A 245 0.01 6.70 -5.92
N HIS A 246 -1.31 6.81 -5.74
CA HIS A 246 -1.92 7.80 -4.84
C HIS A 246 -1.79 7.37 -3.38
N GLU A 247 -2.35 6.20 -3.07
CA GLU A 247 -2.78 5.96 -1.70
C GLU A 247 -1.65 5.46 -0.82
N THR A 248 -0.70 4.73 -1.40
CA THR A 248 0.36 4.12 -0.61
C THR A 248 1.34 5.16 -0.08
N THR A 249 1.90 5.97 -0.98
CA THR A 249 2.87 6.96 -0.54
C THR A 249 2.24 7.97 0.40
N ALA A 250 1.01 8.38 0.10
CA ALA A 250 0.32 9.32 0.99
C ALA A 250 0.21 8.76 2.40
N SER A 251 -0.09 7.47 2.53
CA SER A 251 -0.19 6.84 3.84
C SER A 251 1.15 6.76 4.53
N MET A 252 2.20 6.41 3.78
CA MET A 252 3.53 6.37 4.37
C MET A 252 3.95 7.74 4.87
N THR A 253 3.60 8.79 4.15
CA THR A 253 3.98 10.13 4.58
C THR A 253 3.32 10.49 5.90
N SER A 254 2.00 10.34 6.00
CA SER A 254 1.32 10.73 7.23
CA SER A 254 1.30 10.73 7.22
C SER A 254 1.73 9.86 8.39
N LEU A 255 1.85 8.55 8.18
CA LEU A 255 2.21 7.69 9.31
C LEU A 255 3.67 7.86 9.70
N SER A 256 4.55 8.18 8.74
CA SER A 256 5.94 8.45 9.08
C SER A 256 6.06 9.71 9.92
N VAL A 257 5.27 10.74 9.61
CA VAL A 257 5.32 11.96 10.41
C VAL A 257 4.89 11.68 11.84
N ILE A 258 3.76 10.98 12.01
CA ILE A 258 3.30 10.64 13.36
C ILE A 258 4.38 9.85 14.09
N THR A 259 4.97 8.88 13.40
CA THR A 259 5.93 8.00 14.05
C THR A 259 7.20 8.75 14.42
N LEU A 260 7.71 9.59 13.51
CA LEU A 260 8.95 10.31 13.81
C LEU A 260 8.76 11.30 14.95
N LEU A 261 7.61 11.96 15.00
CA LEU A 261 7.38 12.90 16.09
C LEU A 261 7.24 12.21 17.44
N ASP A 262 6.85 10.93 17.46
CA ASP A 262 6.83 10.13 18.68
C ASP A 262 8.21 9.56 19.03
N HIS A 263 9.19 9.72 18.16
CA HIS A 263 10.56 9.26 18.42
C HIS A 263 11.51 10.43 18.17
N PRO A 264 11.43 11.48 19.00
CA PRO A 264 12.15 12.71 18.66
C PRO A 264 13.66 12.59 18.63
N GLU A 265 14.26 11.71 19.45
CA GLU A 265 15.71 11.53 19.38
C GLU A 265 16.13 11.06 17.99
N GLN A 266 15.42 10.08 17.43
CA GLN A 266 15.78 9.58 16.12
C GLN A 266 15.46 10.60 15.02
N TYR A 267 14.35 11.32 15.15
CA TYR A 267 14.05 12.37 14.18
C TYR A 267 15.14 13.44 14.19
N ALA A 268 15.61 13.82 15.39
CA ALA A 268 16.66 14.82 15.49
C ALA A 268 17.97 14.30 14.89
N ALA A 269 18.27 13.02 15.10
CA ALA A 269 19.46 12.44 14.50
C ALA A 269 19.33 12.43 12.98
N LEU A 270 18.13 12.15 12.48
CA LEU A 270 17.90 12.15 11.04
C LEU A 270 18.15 13.55 10.45
N ARG A 271 17.68 14.58 11.14
CA ARG A 271 17.86 15.94 10.62
CA ARG A 271 17.86 15.94 10.64
C ARG A 271 19.33 16.33 10.60
N ALA A 272 20.11 15.89 11.58
CA ALA A 272 21.52 16.24 11.68
C ALA A 272 22.41 15.48 10.70
N ASP A 273 21.90 14.44 10.04
CA ASP A 273 22.73 13.65 9.13
C ASP A 273 21.80 13.06 8.06
N ARG A 274 21.65 13.79 6.95
CA ARG A 274 20.72 13.36 5.93
C ARG A 274 21.16 12.12 5.18
N SER A 275 22.42 11.70 5.34
CA SER A 275 22.81 10.42 4.75
C SER A 275 22.07 9.26 5.38
N LEU A 276 21.45 9.49 6.53
CA LEU A 276 20.61 8.49 7.20
C LEU A 276 19.23 8.33 6.58
N VAL A 277 18.81 9.24 5.69
CA VAL A 277 17.43 9.23 5.22
C VAL A 277 17.07 7.96 4.45
N PRO A 278 17.88 7.48 3.50
CA PRO A 278 17.49 6.23 2.81
C PRO A 278 17.30 5.07 3.77
N GLY A 279 18.18 4.92 4.76
CA GLY A 279 18.03 3.83 5.71
C GLY A 279 16.82 4.02 6.61
N ALA A 280 16.52 5.28 6.96
CA ALA A 280 15.34 5.55 7.77
C ALA A 280 14.07 5.24 7.01
N VAL A 281 14.05 5.51 5.70
CA VAL A 281 12.89 5.17 4.89
C VAL A 281 12.67 3.66 4.89
N GLU A 282 13.74 2.88 4.76
CA GLU A 282 13.59 1.43 4.79
C GLU A 282 13.05 0.97 6.14
N GLU A 283 13.56 1.55 7.23
CA GLU A 283 13.05 1.16 8.53
C GLU A 283 11.58 1.55 8.69
N LEU A 284 11.19 2.73 8.20
CA LEU A 284 9.79 3.13 8.30
C LEU A 284 8.89 2.21 7.47
N LEU A 285 9.36 1.80 6.28
CA LEU A 285 8.61 0.83 5.48
C LEU A 285 8.41 -0.48 6.24
N ARG A 286 9.49 -1.03 6.80
CA ARG A 286 9.40 -2.27 7.56
C ARG A 286 8.42 -2.12 8.72
N TYR A 287 8.56 -1.03 9.47
CA TYR A 287 7.89 -0.83 10.75
C TYR A 287 6.40 -0.52 10.56
N LEU A 288 6.08 0.27 9.54
CA LEU A 288 4.70 0.70 9.32
C LEU A 288 3.90 -0.26 8.45
N ALA A 289 4.59 -1.05 7.61
CA ALA A 289 4.01 -2.08 6.75
C ALA A 289 2.53 -1.85 6.41
N ILE A 290 2.28 -0.87 5.54
CA ILE A 290 0.90 -0.37 5.41
C ILE A 290 0.01 -1.22 4.51
N ALA A 291 0.57 -2.21 3.81
CA ALA A 291 -0.21 -2.96 2.83
C ALA A 291 -0.37 -4.46 3.11
N ASP A 292 -0.83 -4.85 4.30
CA ASP A 292 -1.18 -6.27 4.53
C ASP A 292 -2.32 -6.73 3.63
N ILE A 293 -3.18 -5.81 3.19
CA ILE A 293 -4.29 -6.23 2.35
C ILE A 293 -3.81 -6.77 1.01
N ALA A 294 -2.51 -6.69 0.75
CA ALA A 294 -1.91 -7.11 -0.50
C ALA A 294 -1.29 -8.49 -0.43
N GLY A 295 -1.60 -9.27 0.61
CA GLY A 295 -0.98 -10.57 0.79
C GLY A 295 -1.86 -11.76 0.49
N GLY A 296 -3.06 -11.57 -0.05
CA GLY A 296 -3.99 -12.67 -0.27
C GLY A 296 -3.56 -13.58 -1.40
N ARG A 297 -3.78 -14.89 -1.20
CA ARG A 297 -3.43 -15.94 -2.15
C ARG A 297 -4.42 -17.08 -1.99
N VAL A 298 -4.50 -17.94 -3.01
CA VAL A 298 -5.31 -19.15 -2.93
C VAL A 298 -4.48 -20.32 -3.43
N ALA A 299 -4.48 -21.41 -2.67
CA ALA A 299 -3.69 -22.58 -3.06
C ALA A 299 -4.40 -23.32 -4.18
N THR A 300 -3.65 -23.64 -5.24
CA THR A 300 -4.16 -24.47 -6.33
C THR A 300 -3.72 -25.91 -6.19
N ALA A 301 -2.87 -26.21 -5.20
CA ALA A 301 -2.42 -27.56 -4.91
C ALA A 301 -2.05 -27.59 -3.44
N ASP A 302 -1.97 -28.82 -2.89
CA ASP A 302 -1.54 -28.97 -1.51
C ASP A 302 -0.10 -28.48 -1.35
N ILE A 303 0.17 -27.79 -0.23
CA ILE A 303 1.50 -27.26 0.07
C ILE A 303 1.85 -27.65 1.50
N GLU A 304 2.97 -28.37 1.67
CA GLU A 304 3.48 -28.71 3.00
C GLU A 304 4.36 -27.58 3.52
N VAL A 305 4.08 -27.12 4.73
CA VAL A 305 4.80 -26.00 5.34
C VAL A 305 5.17 -26.40 6.76
N GLU A 306 6.42 -26.86 6.94
CA GLU A 306 7.00 -27.15 8.26
C GLU A 306 6.05 -27.93 9.16
N GLY A 307 5.46 -29.00 8.61
CA GLY A 307 4.57 -29.85 9.36
C GLY A 307 3.10 -29.53 9.24
N GLN A 308 2.76 -28.34 8.76
CA GLN A 308 1.36 -27.98 8.51
CA GLN A 308 1.38 -27.95 8.51
C GLN A 308 1.06 -28.09 7.02
N LEU A 309 -0.20 -28.35 6.71
CA LEU A 309 -0.63 -28.56 5.34
C LEU A 309 -1.63 -27.50 4.92
N ILE A 310 -1.28 -26.75 3.88
CA ILE A 310 -2.23 -25.92 3.17
C ILE A 310 -2.88 -26.79 2.10
N ARG A 311 -4.19 -26.93 2.16
CA ARG A 311 -4.88 -27.79 1.21
C ARG A 311 -5.30 -26.98 -0.01
N ALA A 312 -5.38 -27.65 -1.16
CA ALA A 312 -5.85 -27.02 -2.38
C ALA A 312 -7.21 -26.38 -2.13
N GLY A 313 -7.34 -25.13 -2.56
CA GLY A 313 -8.58 -24.40 -2.37
C GLY A 313 -8.66 -23.59 -1.10
N GLU A 314 -7.66 -23.66 -0.24
CA GLU A 314 -7.64 -22.83 0.96
C GLU A 314 -7.04 -21.47 0.68
N GLY A 315 -7.56 -20.47 1.38
CA GLY A 315 -7.04 -19.11 1.28
C GLY A 315 -5.88 -18.93 2.23
N VAL A 316 -4.91 -18.13 1.80
CA VAL A 316 -3.70 -17.84 2.55
C VAL A 316 -3.44 -16.34 2.45
N ILE A 317 -3.19 -15.69 3.58
CA ILE A 317 -2.83 -14.28 3.56
C ILE A 317 -1.43 -14.16 4.14
N VAL A 318 -0.50 -13.65 3.35
CA VAL A 318 0.86 -13.40 3.81
C VAL A 318 0.86 -12.03 4.46
N VAL A 319 0.92 -12.00 5.79
CA VAL A 319 0.74 -10.75 6.54
C VAL A 319 2.12 -10.15 6.74
N ASN A 320 2.51 -9.23 5.85
CA ASN A 320 3.88 -8.75 5.88
C ASN A 320 4.15 -7.86 7.10
N SER A 321 3.14 -7.24 7.71
CA SER A 321 3.42 -6.46 8.90
C SER A 321 3.92 -7.35 10.03
N ILE A 322 3.30 -8.53 10.20
CA ILE A 322 3.73 -9.46 11.24
C ILE A 322 5.07 -10.08 10.88
N ALA A 323 5.25 -10.47 9.61
CA ALA A 323 6.52 -11.03 9.18
C ALA A 323 7.65 -10.02 9.37
N ASN A 324 7.34 -8.73 9.23
CA ASN A 324 8.34 -7.69 9.43
C ASN A 324 8.68 -7.47 10.90
N ARG A 325 7.95 -8.09 11.83
CA ARG A 325 8.28 -8.04 13.25
C ARG A 325 8.84 -9.38 13.74
N ASP A 326 9.48 -10.12 12.84
CA ASP A 326 10.10 -11.41 13.16
C ASP A 326 11.45 -11.14 13.81
N GLY A 327 11.56 -11.43 15.10
CA GLY A 327 12.77 -11.17 15.86
C GLY A 327 13.96 -12.06 15.50
N THR A 328 13.75 -13.13 14.72
CA THR A 328 14.88 -13.87 14.20
C THR A 328 15.53 -13.18 13.01
N VAL A 329 14.92 -12.11 12.51
CA VAL A 329 15.47 -11.32 11.43
C VAL A 329 15.81 -9.90 11.88
N TYR A 330 14.95 -9.30 12.69
CA TYR A 330 15.12 -7.92 13.18
C TYR A 330 15.18 -7.95 14.70
N GLU A 331 16.39 -7.80 15.25
CA GLU A 331 16.55 -7.85 16.69
C GLU A 331 15.74 -6.75 17.34
N ASP A 332 14.98 -7.10 18.39
CA ASP A 332 14.04 -6.18 19.03
CA ASP A 332 14.08 -6.16 19.02
C ASP A 332 13.14 -5.60 17.95
N PRO A 333 12.30 -6.45 17.33
CA PRO A 333 11.57 -6.05 16.12
C PRO A 333 10.54 -4.97 16.33
N ASP A 334 10.06 -4.76 17.55
CA ASP A 334 9.03 -3.76 17.79
C ASP A 334 9.60 -2.40 18.14
N ALA A 335 10.92 -2.27 18.08
CA ALA A 335 11.57 -0.97 18.29
C ALA A 335 11.82 -0.30 16.96
N LEU A 336 11.47 0.98 16.87
CA LEU A 336 11.93 1.77 15.73
C LEU A 336 13.42 2.05 15.88
N ASP A 337 14.21 1.72 14.86
CA ASP A 337 15.64 2.00 14.89
C ASP A 337 16.08 2.39 13.48
N ILE A 338 16.15 3.70 13.23
CA ILE A 338 16.52 4.15 11.89
C ILE A 338 17.96 3.77 11.52
N HIS A 339 18.76 3.37 12.50
CA HIS A 339 20.12 2.90 12.25
C HIS A 339 20.21 1.40 12.00
N ARG A 340 19.12 0.65 12.17
CA ARG A 340 19.22 -0.79 11.96
C ARG A 340 19.32 -1.12 10.48
N SER A 341 19.71 -2.36 10.19
CA SER A 341 19.53 -2.89 8.85
C SER A 341 18.11 -3.38 8.74
N ALA A 342 17.30 -2.67 7.96
CA ALA A 342 15.96 -3.12 7.65
C ALA A 342 15.92 -3.89 6.34
N ARG A 343 17.09 -4.31 5.85
CA ARG A 343 17.13 -5.08 4.62
C ARG A 343 16.25 -6.31 4.72
N HIS A 344 15.76 -6.75 3.56
CA HIS A 344 14.99 -7.97 3.36
C HIS A 344 13.57 -7.85 3.91
N HIS A 345 13.11 -6.65 4.23
CA HIS A 345 11.76 -6.51 4.74
C HIS A 345 10.75 -6.82 3.63
N LEU A 346 9.52 -7.08 4.06
CA LEU A 346 8.47 -7.54 3.17
C LEU A 346 7.40 -6.50 2.92
N ALA A 347 7.66 -5.23 3.24
CA ALA A 347 6.60 -4.24 3.07
C ALA A 347 6.17 -4.11 1.62
N PHE A 348 7.04 -4.45 0.66
CA PHE A 348 6.73 -4.43 -0.76
C PHE A 348 6.45 -5.83 -1.32
N GLY A 349 6.31 -6.83 -0.46
CA GLY A 349 6.20 -8.19 -0.97
C GLY A 349 7.54 -8.79 -1.34
N PHE A 350 7.48 -9.86 -2.13
CA PHE A 350 8.65 -10.65 -2.54
C PHE A 350 8.26 -11.47 -3.76
N GLY A 351 9.20 -11.61 -4.71
CA GLY A 351 8.96 -12.51 -5.83
C GLY A 351 8.38 -11.82 -7.05
N VAL A 352 7.58 -12.53 -7.85
CA VAL A 352 7.20 -11.97 -9.14
C VAL A 352 6.28 -10.76 -8.99
N HIS A 353 5.50 -10.68 -7.91
CA HIS A 353 4.59 -9.56 -7.69
C HIS A 353 5.16 -8.47 -6.79
N GLN A 354 6.46 -8.53 -6.47
CA GLN A 354 7.04 -7.48 -5.64
CA GLN A 354 7.06 -7.48 -5.65
C GLN A 354 6.74 -6.11 -6.24
N CYS A 355 6.37 -5.18 -5.36
CA CYS A 355 5.86 -3.86 -5.73
C CYS A 355 6.59 -3.24 -6.92
N LEU A 356 5.83 -2.98 -8.00
CA LEU A 356 6.39 -2.29 -9.17
C LEU A 356 6.84 -0.88 -8.84
N GLY A 357 6.14 -0.20 -7.94
CA GLY A 357 6.42 1.18 -7.64
C GLY A 357 7.40 1.41 -6.52
N GLN A 358 8.10 0.37 -6.05
CA GLN A 358 8.81 0.46 -4.78
C GLN A 358 9.90 1.53 -4.82
N ASN A 359 10.59 1.70 -5.95
CA ASN A 359 11.65 2.69 -5.93
C ASN A 359 11.14 4.10 -6.20
N LEU A 360 9.98 4.24 -6.86
CA LEU A 360 9.32 5.54 -6.89
C LEU A 360 8.89 5.93 -5.47
N ALA A 361 8.37 4.97 -4.71
CA ALA A 361 7.96 5.26 -3.34
C ALA A 361 9.15 5.65 -2.47
N ARG A 362 10.28 4.95 -2.64
CA ARG A 362 11.49 5.28 -1.89
C ARG A 362 11.99 6.69 -2.24
N LEU A 363 11.96 7.04 -3.53
CA LEU A 363 12.37 8.38 -3.93
C LEU A 363 11.45 9.42 -3.32
N GLU A 364 10.14 9.21 -3.42
CA GLU A 364 9.18 10.18 -2.90
C GLU A 364 9.37 10.39 -1.41
N LEU A 365 9.51 9.31 -0.65
CA LEU A 365 9.61 9.48 0.80
C LEU A 365 10.92 10.13 1.22
N GLU A 366 12.02 9.86 0.50
CA GLU A 366 13.26 10.54 0.79
C GLU A 366 13.13 12.04 0.53
N VAL A 367 12.58 12.42 -0.63
CA VAL A 367 12.43 13.84 -0.94
C VAL A 367 11.50 14.50 0.07
N ILE A 368 10.43 13.80 0.43
CA ILE A 368 9.43 14.36 1.35
C ILE A 368 10.04 14.59 2.72
N LEU A 369 10.76 13.60 3.26
CA LEU A 369 11.32 13.78 4.60
C LEU A 369 12.38 14.88 4.60
N ASN A 370 13.24 14.90 3.58
CA ASN A 370 14.25 15.97 3.52
C ASN A 370 13.58 17.33 3.42
N ALA A 371 12.46 17.41 2.68
CA ALA A 371 11.80 18.70 2.50
C ALA A 371 11.11 19.16 3.78
N LEU A 372 10.49 18.24 4.51
CA LEU A 372 9.90 18.61 5.78
C LEU A 372 10.96 19.07 6.78
N MET A 373 12.08 18.36 6.86
CA MET A 373 13.13 18.78 7.77
C MET A 373 13.77 20.10 7.34
N ASP A 374 13.84 20.39 6.04
CA ASP A 374 14.42 21.63 5.57
C ASP A 374 13.47 22.81 5.76
N ARG A 375 12.21 22.64 5.34
CA ARG A 375 11.28 23.77 5.25
C ARG A 375 10.44 23.94 6.50
N VAL A 376 10.12 22.86 7.20
CA VAL A 376 9.26 22.99 8.39
C VAL A 376 9.86 22.19 9.54
N PRO A 377 11.08 22.53 9.98
CA PRO A 377 11.70 21.75 11.08
C PRO A 377 10.91 21.82 12.38
N THR A 378 10.01 22.80 12.54
CA THR A 378 9.19 22.90 13.73
C THR A 378 7.83 22.25 13.59
N LEU A 379 7.60 21.51 12.50
CA LEU A 379 6.33 20.80 12.32
C LEU A 379 5.99 19.99 13.55
N ARG A 380 4.74 20.07 13.99
CA ARG A 380 4.26 19.27 15.10
C ARG A 380 2.78 18.96 14.89
N LEU A 381 2.31 17.92 15.56
CA LEU A 381 0.89 17.60 15.52
C LEU A 381 0.10 18.67 16.26
N ALA A 382 -1.04 19.05 15.69
CA ALA A 382 -1.91 20.05 16.29
C ALA A 382 -2.93 19.44 17.24
N VAL A 383 -3.04 18.12 17.26
CA VAL A 383 -3.88 17.39 18.21
C VAL A 383 -3.05 16.26 18.80
N PRO A 384 -3.41 15.78 19.99
CA PRO A 384 -2.73 14.61 20.54
C PRO A 384 -2.92 13.40 19.65
N VAL A 385 -1.93 12.49 19.67
CA VAL A 385 -2.04 11.26 18.89
C VAL A 385 -3.32 10.51 19.24
N GLU A 386 -3.78 10.64 20.50
CA GLU A 386 -4.97 9.93 20.95
C GLU A 386 -6.25 10.41 20.27
N GLN A 387 -6.23 11.57 19.61
CA GLN A 387 -7.41 12.08 18.93
C GLN A 387 -7.43 11.72 17.45
N LEU A 388 -6.37 11.09 16.94
CA LEU A 388 -6.33 10.69 15.54
C LEU A 388 -7.19 9.44 15.32
N VAL A 389 -7.66 9.28 14.09
CA VAL A 389 -8.51 8.16 13.71
C VAL A 389 -7.76 7.34 12.67
N LEU A 390 -7.42 6.10 13.01
CA LEU A 390 -6.74 5.20 12.08
C LEU A 390 -7.75 4.44 11.24
N ARG A 391 -7.37 4.17 9.98
CA ARG A 391 -8.20 3.35 9.13
C ARG A 391 -8.21 1.90 9.61
N PRO A 392 -9.26 1.15 9.29
CA PRO A 392 -9.33 -0.25 9.75
C PRO A 392 -8.40 -1.16 8.94
N GLY A 393 -8.21 -2.36 9.48
CA GLY A 393 -7.27 -3.30 8.90
C GLY A 393 -7.71 -3.91 7.59
N THR A 394 -8.91 -3.58 7.12
CA THR A 394 -9.41 -4.06 5.84
C THR A 394 -8.96 -3.18 4.66
N THR A 395 -8.19 -2.12 4.91
CA THR A 395 -7.72 -1.26 3.82
C THR A 395 -6.24 -0.96 4.04
N ILE A 396 -5.69 -0.10 3.17
CA ILE A 396 -4.33 0.41 3.39
C ILE A 396 -4.29 1.19 4.70
N GLN A 397 -3.28 0.92 5.53
CA GLN A 397 -3.20 1.60 6.81
C GLN A 397 -2.96 3.10 6.62
N GLY A 398 -3.45 3.90 7.55
CA GLY A 398 -3.20 5.33 7.50
C GLY A 398 -4.21 6.10 8.33
N VAL A 399 -4.13 7.43 8.18
CA VAL A 399 -5.07 8.36 8.78
C VAL A 399 -5.67 9.20 7.66
N ASN A 400 -6.97 9.48 7.75
CA ASN A 400 -7.59 10.30 6.72
C ASN A 400 -7.41 11.79 6.96
N GLU A 401 -7.14 12.22 8.20
CA GLU A 401 -6.84 13.61 8.50
CA GLU A 401 -6.79 13.61 8.46
C GLU A 401 -5.70 13.65 9.51
N LEU A 402 -4.81 14.63 9.36
CA LEU A 402 -3.67 14.78 10.28
C LEU A 402 -3.43 16.25 10.55
N PRO A 403 -4.06 16.79 11.59
CA PRO A 403 -3.88 18.23 11.90
C PRO A 403 -2.46 18.50 12.38
N VAL A 404 -1.83 19.50 11.76
CA VAL A 404 -0.44 19.86 12.06
C VAL A 404 -0.31 21.37 12.17
N THR A 405 0.75 21.80 12.85
CA THR A 405 1.06 23.22 12.97
C THR A 405 2.57 23.35 13.00
N TRP A 406 3.04 24.60 13.10
CA TRP A 406 4.46 24.89 12.96
C TRP A 406 4.67 26.37 13.32
N HIS A 407 5.93 26.78 13.35
CA HIS A 407 6.30 28.18 13.54
C HIS A 407 5.97 28.99 12.29
N HIS A 408 5.37 30.16 12.49
CA HIS A 408 4.91 30.98 11.38
C HIS A 408 6.09 31.48 10.53
N HIS A 409 5.76 32.11 9.41
CA HIS A 409 6.74 32.73 8.52
C HIS A 409 7.30 34.01 9.10
#